data_4EDK
#
_entry.id   4EDK
#
_cell.length_a   151.742
_cell.length_b   151.742
_cell.length_c   38.720
_cell.angle_alpha   90.000
_cell.angle_beta   90.000
_cell.angle_gamma   120.000
#
_symmetry.space_group_name_H-M   'P 61'
#
loop_
_entity.id
_entity.type
_entity.pdbx_description
1 polymer 'DNA primase'
2 non-polymer BENZAMIDINE
3 non-polymer "GUANOSINE-5'-TRIPHOSPHATE"
4 non-polymer 'MANGANESE (II) ION'
5 water water
#
_entity_poly.entity_id   1
_entity_poly.type   'polypeptide(L)'
_entity_poly.pdbx_seq_one_letter_code
;SNADDLQMIEMHELIQEFYYYALTKTVEGEQALTYLQERGFTDALIKERGIGFAPDSSHFCHDFLQKKGYDIELAYEAGL
LSRNEENFSYYDRFRNRIMFPLKNAQGRIVGYSGRTYTGQEPKYLNSPETPIFQKRKLLYNLDKARKSIRKLDEIVLLEG
FMDVIKSDTAGLKNVVATMGTQLSDEHITFIRKLTSNITLMFDGDFAGSEATLKTGQHLLQQGLNVFVIQLPSGMDPDEY
IGKYGNDAFTTFVKNDKKSFAHYKVSILKDEIAHNDLSYERYLKELSHDISLMKSSILQQKAINDVAPFFNVSPEQLANE
IQFNQAPAN
;
_entity_poly.pdbx_strand_id   A
#
loop_
_chem_comp.id
_chem_comp.type
_chem_comp.name
_chem_comp.formula
BEN non-polymer BENZAMIDINE 'C7 H8 N2'
GTP non-polymer GUANOSINE-5'-TRIPHOSPHATE 'C10 H16 N5 O14 P3'
MN non-polymer 'MANGANESE (II) ION' 'Mn 2'
#
# COMPACT_ATOMS: atom_id res chain seq x y z
N SER A 1 -7.76 -17.11 -21.10
CA SER A 1 -9.03 -17.75 -20.75
C SER A 1 -9.13 -17.94 -19.26
N ASN A 2 -10.34 -18.21 -18.77
CA ASN A 2 -10.54 -18.47 -17.35
C ASN A 2 -9.81 -19.73 -16.90
N ALA A 3 -9.76 -20.74 -17.77
CA ALA A 3 -9.05 -21.98 -17.46
C ALA A 3 -7.55 -21.71 -17.30
N ASP A 4 -6.98 -20.89 -18.17
CA ASP A 4 -5.57 -20.54 -18.06
C ASP A 4 -5.30 -19.72 -16.81
N ASP A 5 -6.19 -18.77 -16.51
CA ASP A 5 -6.06 -17.93 -15.32
C ASP A 5 -6.01 -18.78 -14.06
N LEU A 6 -6.88 -19.80 -14.02
CA LEU A 6 -6.94 -20.70 -12.88
C LEU A 6 -5.67 -21.52 -12.74
N GLN A 7 -5.13 -22.00 -13.86
CA GLN A 7 -3.84 -22.71 -13.84
C GLN A 7 -2.74 -21.80 -13.27
N MET A 8 -2.75 -20.53 -13.67
CA MET A 8 -1.75 -19.58 -13.18
C MET A 8 -1.87 -19.35 -11.68
N ILE A 9 -3.10 -19.26 -11.19
CA ILE A 9 -3.33 -19.14 -9.75
C ILE A 9 -2.85 -20.39 -9.01
N GLU A 10 -3.18 -21.57 -9.53
CA GLU A 10 -2.68 -22.83 -8.95
C GLU A 10 -1.17 -22.88 -8.82
N MET A 11 -0.49 -22.47 -9.89
CA MET A 11 0.97 -22.40 -9.88
C MET A 11 1.46 -21.56 -8.71
N HIS A 12 0.86 -20.39 -8.53
CA HIS A 12 1.23 -19.50 -7.43
C HIS A 12 0.95 -20.11 -6.07
N GLU A 13 -0.21 -20.74 -5.93
CA GLU A 13 -0.61 -21.28 -4.64
C GLU A 13 0.20 -22.54 -4.27
N LEU A 14 0.62 -23.29 -5.28
CA LEU A 14 1.43 -24.48 -5.02
C LEU A 14 2.87 -24.12 -4.68
N ILE A 15 3.47 -23.20 -5.45
CA ILE A 15 4.85 -22.81 -5.18
C ILE A 15 4.96 -22.08 -3.83
N GLN A 16 3.89 -21.42 -3.39
CA GLN A 16 3.88 -20.77 -2.08
C GLN A 16 4.28 -21.74 -0.97
N GLU A 17 3.76 -22.97 -1.05
CA GLU A 17 4.05 -23.98 -0.03
C GLU A 17 5.54 -24.33 -0.03
N PHE A 18 6.13 -24.36 -1.22
CA PHE A 18 7.55 -24.66 -1.37
C PHE A 18 8.42 -23.51 -0.87
N TYR A 19 8.05 -22.28 -1.21
CA TYR A 19 8.74 -21.10 -0.69
C TYR A 19 8.70 -21.03 0.83
N TYR A 20 7.54 -21.37 1.39
CA TYR A 20 7.37 -21.35 2.84
C TYR A 20 8.27 -22.38 3.53
N TYR A 21 8.32 -23.59 2.98
CA TYR A 21 9.24 -24.60 3.47
C TYR A 21 10.70 -24.15 3.36
N ALA A 22 11.04 -23.58 2.21
CA ALA A 22 12.42 -23.12 1.98
C ALA A 22 12.86 -22.11 3.03
N LEU A 23 11.96 -21.19 3.38
CA LEU A 23 12.26 -20.13 4.35
C LEU A 23 12.38 -20.69 5.76
N THR A 24 11.41 -21.50 6.18
CA THR A 24 11.29 -21.86 7.58
C THR A 24 12.09 -23.08 7.98
N LYS A 25 12.48 -23.91 7.01
CA LYS A 25 13.10 -25.19 7.35
C LYS A 25 14.49 -25.43 6.78
N THR A 26 14.78 -24.88 5.61
CA THR A 26 16.01 -25.26 4.91
C THR A 26 17.22 -24.43 5.32
N VAL A 27 18.40 -24.99 5.11
CA VAL A 27 19.64 -24.31 5.46
C VAL A 27 19.80 -23.02 4.64
N GLU A 28 19.50 -23.07 3.35
CA GLU A 28 19.66 -21.89 2.52
C GLU A 28 18.76 -20.73 2.97
N GLY A 29 17.62 -21.05 3.57
CA GLY A 29 16.70 -20.01 4.00
C GLY A 29 17.00 -19.37 5.35
N GLU A 30 18.00 -19.88 6.07
CA GLU A 30 18.28 -19.42 7.44
C GLU A 30 18.57 -17.93 7.61
N GLN A 31 19.37 -17.36 6.70
CA GLN A 31 19.68 -15.95 6.82
C GLN A 31 18.42 -15.09 6.59
N ALA A 32 17.63 -15.45 5.60
CA ALA A 32 16.40 -14.72 5.34
C ALA A 32 15.44 -14.83 6.52
N LEU A 33 15.38 -16.00 7.14
CA LEU A 33 14.50 -16.19 8.30
C LEU A 33 14.93 -15.28 9.45
N THR A 34 16.23 -15.23 9.72
CA THR A 34 16.77 -14.35 10.76
C THR A 34 16.46 -12.87 10.49
N TYR A 35 16.57 -12.47 9.22
CA TYR A 35 16.24 -11.09 8.85
C TYR A 35 14.80 -10.74 9.22
N LEU A 36 13.86 -11.61 8.85
CA LEU A 36 12.45 -11.37 9.20
C LEU A 36 12.25 -11.32 10.71
N GLN A 37 12.87 -12.26 11.42
CA GLN A 37 12.73 -12.33 12.87
C GLN A 37 13.24 -11.05 13.53
N GLU A 38 14.33 -10.51 13.01
CA GLU A 38 14.85 -9.24 13.53
C GLU A 38 13.95 -8.04 13.20
N ARG A 39 13.06 -8.20 12.23
CA ARG A 39 12.08 -7.16 11.93
C ARG A 39 10.77 -7.41 12.67
N GLY A 40 10.80 -8.33 13.62
CA GLY A 40 9.64 -8.56 14.48
C GLY A 40 8.62 -9.56 13.97
N PHE A 41 8.96 -10.29 12.91
CA PHE A 41 8.07 -11.35 12.43
C PHE A 41 8.16 -12.56 13.34
N THR A 42 7.04 -12.95 13.93
CA THR A 42 6.98 -14.17 14.70
C THR A 42 6.77 -15.33 13.73
N ASP A 43 6.97 -16.55 14.20
CA ASP A 43 6.69 -17.73 13.39
C ASP A 43 5.23 -17.70 12.94
N ALA A 44 4.36 -17.28 13.86
CA ALA A 44 2.93 -17.23 13.59
C ALA A 44 2.56 -16.24 12.48
N LEU A 45 3.20 -15.07 12.48
CA LEU A 45 2.90 -14.07 11.46
C LEU A 45 3.44 -14.52 10.10
N ILE A 46 4.62 -15.12 10.10
CA ILE A 46 5.20 -15.66 8.88
C ILE A 46 4.27 -16.72 8.30
N LYS A 47 3.74 -17.58 9.16
CA LYS A 47 2.79 -18.60 8.72
C LYS A 47 1.49 -17.97 8.25
N GLU A 48 1.00 -16.98 9.00
CA GLU A 48 -0.26 -16.33 8.68
C GLU A 48 -0.25 -15.68 7.30
N ARG A 49 0.83 -14.97 6.99
CA ARG A 49 0.97 -14.27 5.71
C ARG A 49 1.54 -15.17 4.60
N GLY A 50 1.93 -16.38 4.95
CA GLY A 50 2.47 -17.32 3.98
C GLY A 50 3.78 -16.90 3.36
N ILE A 51 4.57 -16.14 4.12
CA ILE A 51 5.85 -15.63 3.63
C ILE A 51 6.87 -16.74 3.39
N GLY A 52 7.66 -16.62 2.33
CA GLY A 52 8.59 -17.66 1.98
C GLY A 52 9.94 -17.12 1.51
N PHE A 53 10.74 -18.02 0.91
CA PHE A 53 12.07 -17.70 0.42
C PHE A 53 12.25 -18.34 -0.95
N ALA A 54 12.74 -17.56 -1.91
CA ALA A 54 13.11 -18.12 -3.20
C ALA A 54 14.61 -18.34 -3.21
N PRO A 55 15.04 -19.61 -3.31
CA PRO A 55 16.47 -19.94 -3.36
C PRO A 55 17.16 -19.32 -4.59
N ASP A 56 18.49 -19.35 -4.61
CA ASP A 56 19.23 -18.63 -5.65
C ASP A 56 19.63 -19.49 -6.85
N SER A 57 19.11 -20.70 -6.94
CA SER A 57 19.59 -21.64 -7.95
C SER A 57 19.25 -21.22 -9.38
N SER A 58 18.15 -20.48 -9.52
CA SER A 58 17.58 -20.04 -10.81
C SER A 58 16.72 -21.10 -11.53
N HIS A 59 16.54 -22.27 -10.91
CA HIS A 59 15.66 -23.28 -11.49
C HIS A 59 14.78 -23.99 -10.45
N PHE A 60 14.70 -23.42 -9.25
CA PHE A 60 13.87 -23.96 -8.17
C PHE A 60 12.39 -23.99 -8.56
N CYS A 61 11.84 -22.83 -8.92
CA CYS A 61 10.45 -22.74 -9.34
C CYS A 61 10.23 -23.48 -10.67
N HIS A 62 11.15 -23.28 -11.61
CA HIS A 62 11.08 -23.91 -12.90
C HIS A 62 10.93 -25.44 -12.80
N ASP A 63 11.81 -26.07 -12.04
CA ASP A 63 11.82 -27.53 -11.92
C ASP A 63 10.57 -28.03 -11.20
N PHE A 64 10.14 -27.29 -10.18
CA PHE A 64 8.92 -27.64 -9.45
C PHE A 64 7.70 -27.65 -10.36
N LEU A 65 7.50 -26.57 -11.10
CA LEU A 65 6.35 -26.45 -11.97
C LEU A 65 6.42 -27.47 -13.09
N GLN A 66 7.63 -27.77 -13.54
CA GLN A 66 7.83 -28.77 -14.57
C GLN A 66 7.44 -30.16 -14.07
N LYS A 67 7.88 -30.49 -12.85
CA LYS A 67 7.55 -31.76 -12.23
C LYS A 67 6.04 -31.93 -12.04
N LYS A 68 5.38 -30.84 -11.64
CA LYS A 68 3.94 -30.88 -11.41
C LYS A 68 3.12 -30.91 -12.69
N GLY A 69 3.80 -30.78 -13.83
CA GLY A 69 3.14 -30.94 -15.13
C GLY A 69 2.60 -29.66 -15.75
N TYR A 70 3.05 -28.51 -15.26
CA TYR A 70 2.57 -27.25 -15.83
C TYR A 70 3.33 -26.89 -17.11
N ASP A 71 2.64 -26.19 -18.00
CA ASP A 71 3.24 -25.68 -19.23
C ASP A 71 4.22 -24.56 -18.86
N ILE A 72 5.46 -24.69 -19.29
CA ILE A 72 6.49 -23.73 -18.91
C ILE A 72 6.22 -22.34 -19.47
N GLU A 73 5.76 -22.28 -20.72
CA GLU A 73 5.43 -21.00 -21.34
C GLU A 73 4.30 -20.30 -20.58
N LEU A 74 3.33 -21.07 -20.09
CA LEU A 74 2.26 -20.51 -19.27
C LEU A 74 2.82 -19.97 -17.94
N ALA A 75 3.81 -20.65 -17.38
CA ALA A 75 4.45 -20.19 -16.15
C ALA A 75 5.19 -18.88 -16.36
N TYR A 76 5.76 -18.71 -17.55
CA TYR A 76 6.38 -17.45 -17.96
C TYR A 76 5.31 -16.35 -18.07
N GLU A 77 4.22 -16.66 -18.76
CA GLU A 77 3.11 -15.71 -18.88
C GLU A 77 2.49 -15.37 -17.52
N ALA A 78 2.57 -16.30 -16.58
CA ALA A 78 2.12 -16.07 -15.20
C ALA A 78 3.10 -15.23 -14.37
N GLY A 79 4.26 -14.92 -14.94
CA GLY A 79 5.23 -14.06 -14.30
C GLY A 79 6.12 -14.74 -13.27
N LEU A 80 6.13 -16.07 -13.25
CA LEU A 80 6.98 -16.80 -12.31
C LEU A 80 8.35 -17.13 -12.90
N LEU A 81 8.43 -17.16 -14.22
CA LEU A 81 9.69 -17.43 -14.89
C LEU A 81 10.07 -16.28 -15.80
N SER A 82 11.37 -16.14 -16.05
CA SER A 82 11.90 -15.22 -17.04
C SER A 82 12.41 -16.03 -18.23
N ARG A 83 12.59 -15.36 -19.36
CA ARG A 83 13.06 -16.03 -20.57
C ARG A 83 14.38 -15.44 -21.06
N ASN A 84 15.37 -16.29 -21.27
CA ASN A 84 16.62 -15.88 -21.91
C ASN A 84 16.34 -15.71 -23.40
N GLU A 85 16.40 -14.47 -23.88
CA GLU A 85 15.99 -14.19 -25.25
C GLU A 85 16.98 -14.68 -26.32
N GLU A 86 18.26 -14.73 -25.97
CA GLU A 86 19.26 -15.29 -26.88
C GLU A 86 19.05 -16.80 -26.98
N ASN A 87 18.75 -17.41 -25.83
CA ASN A 87 18.67 -18.86 -25.71
C ASN A 87 17.27 -19.41 -25.95
N PHE A 88 16.26 -18.59 -25.62
CA PHE A 88 14.85 -19.00 -25.57
C PHE A 88 14.57 -19.93 -24.38
N SER A 89 15.55 -20.09 -23.49
CA SER A 89 15.36 -20.93 -22.31
C SER A 89 14.72 -20.15 -21.15
N TYR A 90 14.19 -20.87 -20.18
CA TYR A 90 13.47 -20.28 -19.05
C TYR A 90 14.22 -20.45 -17.73
N TYR A 91 14.06 -19.49 -16.84
CA TYR A 91 14.64 -19.55 -15.51
C TYR A 91 13.81 -18.74 -14.52
N ASP A 92 14.09 -18.91 -13.22
CA ASP A 92 13.32 -18.29 -12.16
C ASP A 92 13.42 -16.77 -12.19
N ARG A 93 12.27 -16.10 -12.19
CA ARG A 93 12.25 -14.64 -12.05
C ARG A 93 12.74 -14.21 -10.66
N PHE A 94 12.33 -14.96 -9.64
CA PHE A 94 12.63 -14.59 -8.26
C PHE A 94 13.76 -15.47 -7.70
N ARG A 95 14.86 -14.83 -7.31
CA ARG A 95 16.05 -15.56 -6.87
C ARG A 95 16.65 -14.87 -5.66
N ASN A 96 16.90 -15.65 -4.60
CA ASN A 96 17.46 -15.13 -3.36
C ASN A 96 16.66 -13.96 -2.78
N ARG A 97 15.34 -14.11 -2.73
CA ARG A 97 14.49 -13.05 -2.19
C ARG A 97 13.46 -13.61 -1.22
N ILE A 98 13.05 -12.78 -0.27
CA ILE A 98 11.95 -13.13 0.62
C ILE A 98 10.63 -12.89 -0.11
N MET A 99 9.80 -13.93 -0.16
CA MET A 99 8.62 -13.94 -1.03
C MET A 99 7.33 -13.66 -0.27
N PHE A 100 6.68 -12.53 -0.60
CA PHE A 100 5.41 -12.15 -0.01
C PHE A 100 4.31 -12.40 -1.03
N PRO A 101 3.40 -13.35 -0.74
CA PRO A 101 2.26 -13.60 -1.63
C PRO A 101 1.40 -12.36 -1.82
N LEU A 102 0.98 -12.10 -3.05
CA LEU A 102 0.05 -11.02 -3.33
C LEU A 102 -1.29 -11.64 -3.71
N LYS A 103 -2.29 -11.44 -2.85
CA LYS A 103 -3.60 -12.03 -3.09
C LYS A 103 -4.55 -11.04 -3.75
N ASN A 104 -5.40 -11.52 -4.66
CA ASN A 104 -6.39 -10.65 -5.27
C ASN A 104 -7.55 -10.39 -4.31
N ALA A 105 -8.58 -9.70 -4.79
CA ALA A 105 -9.71 -9.31 -3.96
C ALA A 105 -10.54 -10.50 -3.49
N GLN A 106 -10.37 -11.65 -4.12
CA GLN A 106 -11.05 -12.87 -3.71
C GLN A 106 -10.14 -13.77 -2.87
N GLY A 107 -8.96 -13.26 -2.52
CA GLY A 107 -8.05 -13.98 -1.66
C GLY A 107 -7.20 -15.06 -2.32
N ARG A 108 -7.14 -15.06 -3.65
CA ARG A 108 -6.30 -16.02 -4.38
C ARG A 108 -4.93 -15.40 -4.61
N ILE A 109 -3.87 -16.20 -4.51
CA ILE A 109 -2.52 -15.69 -4.77
C ILE A 109 -2.33 -15.52 -6.27
N VAL A 110 -2.06 -14.29 -6.70
CA VAL A 110 -1.94 -14.01 -8.12
C VAL A 110 -0.58 -13.43 -8.50
N GLY A 111 0.27 -13.22 -7.49
CA GLY A 111 1.60 -12.69 -7.75
C GLY A 111 2.44 -12.73 -6.50
N TYR A 112 3.68 -12.22 -6.61
CA TYR A 112 4.61 -12.14 -5.50
C TYR A 112 5.33 -10.81 -5.50
N SER A 113 5.66 -10.34 -4.30
CA SER A 113 6.67 -9.31 -4.15
C SER A 113 7.86 -9.94 -3.43
N GLY A 114 9.02 -9.88 -4.08
CA GLY A 114 10.23 -10.47 -3.51
C GLY A 114 11.18 -9.41 -3.00
N ARG A 115 11.43 -9.39 -1.70
CA ARG A 115 12.35 -8.41 -1.12
C ARG A 115 13.75 -8.96 -0.96
N THR A 116 14.74 -8.15 -1.29
CA THR A 116 16.12 -8.47 -0.98
C THR A 116 16.25 -8.50 0.53
N TYR A 117 17.24 -9.24 1.02
CA TYR A 117 17.59 -9.20 2.44
C TYR A 117 19.11 -8.99 2.54
N THR A 118 19.72 -8.68 1.41
CA THR A 118 21.18 -8.48 1.36
C THR A 118 21.56 -7.15 0.72
N GLY A 119 20.66 -6.17 0.77
CA GLY A 119 20.93 -4.84 0.27
C GLY A 119 21.07 -4.72 -1.23
N GLN A 120 20.44 -5.64 -1.96
CA GLN A 120 20.49 -5.62 -3.42
C GLN A 120 19.41 -4.72 -4.03
N GLU A 121 19.58 -4.37 -5.30
CA GLU A 121 18.59 -3.58 -6.02
C GLU A 121 18.04 -4.39 -7.17
N PRO A 122 16.72 -4.28 -7.43
CA PRO A 122 15.77 -3.44 -6.70
C PRO A 122 15.46 -4.00 -5.32
N LYS A 123 15.15 -3.15 -4.35
CA LYS A 123 14.79 -3.61 -3.01
C LYS A 123 13.64 -4.62 -3.08
N TYR A 124 12.58 -4.26 -3.80
CA TYR A 124 11.46 -5.17 -4.05
C TYR A 124 11.36 -5.46 -5.53
N LEU A 125 11.10 -6.73 -5.85
CA LEU A 125 10.83 -7.15 -7.21
C LEU A 125 9.46 -7.80 -7.24
N ASN A 126 8.54 -7.22 -7.99
CA ASN A 126 7.20 -7.77 -8.13
C ASN A 126 7.04 -8.64 -9.37
N SER A 127 5.98 -9.42 -9.36
CA SER A 127 5.49 -10.05 -10.59
C SER A 127 5.28 -8.97 -11.65
N PRO A 128 5.47 -9.33 -12.92
CA PRO A 128 5.14 -8.39 -13.99
C PRO A 128 3.63 -8.34 -14.16
N GLU A 129 3.11 -7.41 -14.96
CA GLU A 129 1.70 -7.42 -15.32
C GLU A 129 1.36 -8.75 -16.00
N THR A 130 0.31 -9.42 -15.55
CA THR A 130 -0.10 -10.70 -16.13
C THR A 130 -1.63 -10.71 -16.26
N PRO A 131 -2.21 -11.76 -16.86
CA PRO A 131 -3.67 -11.77 -16.92
C PRO A 131 -4.35 -11.81 -15.54
N ILE A 132 -3.63 -12.21 -14.50
CA ILE A 132 -4.24 -12.32 -13.17
C ILE A 132 -3.69 -11.29 -12.18
N PHE A 133 -2.56 -10.69 -12.53
CA PHE A 133 -1.96 -9.68 -11.67
C PHE A 133 -1.85 -8.33 -12.39
N GLN A 134 -2.62 -7.36 -11.91
CA GLN A 134 -2.62 -6.01 -12.50
C GLN A 134 -2.50 -4.98 -11.38
N LYS A 135 -1.41 -4.24 -11.40
CA LYS A 135 -1.14 -3.27 -10.33
C LYS A 135 -2.18 -2.16 -10.21
N ARG A 136 -2.84 -1.82 -11.33
CA ARG A 136 -3.85 -0.77 -11.28
C ARG A 136 -5.16 -1.27 -10.64
N LYS A 137 -5.24 -2.58 -10.42
CA LYS A 137 -6.43 -3.17 -9.80
C LYS A 137 -6.20 -3.72 -8.38
N LEU A 138 -5.05 -4.36 -8.16
CA LEU A 138 -4.79 -5.01 -6.87
C LEU A 138 -4.52 -4.03 -5.73
N LEU A 139 -5.17 -4.25 -4.60
CA LEU A 139 -4.86 -3.55 -3.37
C LEU A 139 -4.43 -4.58 -2.35
N TYR A 140 -3.18 -4.46 -1.88
CA TYR A 140 -2.64 -5.42 -0.93
C TYR A 140 -3.50 -5.45 0.31
N ASN A 141 -3.88 -6.65 0.75
CA ASN A 141 -4.63 -6.91 1.98
C ASN A 141 -6.16 -6.66 1.88
N LEU A 142 -6.64 -6.27 0.71
CA LEU A 142 -8.06 -5.92 0.56
C LEU A 142 -9.02 -7.04 0.97
N ASP A 143 -8.75 -8.28 0.58
CA ASP A 143 -9.65 -9.38 0.93
C ASP A 143 -9.74 -9.57 2.44
N LYS A 144 -8.62 -9.40 3.13
CA LYS A 144 -8.59 -9.51 4.58
C LYS A 144 -9.21 -8.29 5.25
N ALA A 145 -9.03 -7.11 4.65
CA ALA A 145 -9.45 -5.87 5.29
C ALA A 145 -10.92 -5.50 5.04
N ARG A 146 -11.55 -6.13 4.06
CA ARG A 146 -12.88 -5.72 3.59
C ARG A 146 -13.91 -5.66 4.71
N LYS A 147 -13.95 -6.69 5.54
CA LYS A 147 -14.90 -6.77 6.64
C LYS A 147 -14.79 -5.56 7.56
N SER A 148 -13.57 -5.23 7.98
CA SER A 148 -13.37 -4.12 8.91
C SER A 148 -13.55 -2.76 8.25
N ILE A 149 -13.23 -2.67 6.96
CA ILE A 149 -13.47 -1.44 6.21
C ILE A 149 -14.96 -1.09 6.22
N ARG A 150 -15.79 -2.10 5.94
CA ARG A 150 -17.24 -1.90 5.98
C ARG A 150 -17.74 -1.61 7.39
N LYS A 151 -17.28 -2.41 8.36
CA LYS A 151 -17.67 -2.22 9.75
C LYS A 151 -17.30 -0.83 10.27
N LEU A 152 -16.08 -0.38 9.98
CA LEU A 152 -15.60 0.91 10.47
C LEU A 152 -15.96 2.06 9.53
N ASP A 153 -16.50 1.74 8.36
CA ASP A 153 -16.82 2.74 7.34
C ASP A 153 -15.66 3.68 7.06
N GLU A 154 -14.50 3.09 6.79
CA GLU A 154 -13.29 3.85 6.53
C GLU A 154 -12.24 2.90 5.99
N ILE A 155 -11.50 3.37 5.00
CA ILE A 155 -10.33 2.61 4.56
C ILE A 155 -9.08 3.46 4.84
N VAL A 156 -8.00 2.81 5.28
CA VAL A 156 -6.75 3.51 5.49
C VAL A 156 -5.71 3.05 4.47
N LEU A 157 -5.14 4.01 3.74
CA LEU A 157 -4.18 3.72 2.69
C LEU A 157 -2.76 4.02 3.14
N LEU A 158 -1.90 3.00 3.11
CA LEU A 158 -0.49 3.18 3.44
C LEU A 158 0.33 3.10 2.15
N GLU A 159 1.60 3.48 2.22
CA GLU A 159 2.52 3.38 1.07
C GLU A 159 2.96 1.94 0.80
N GLY A 160 3.29 1.23 1.87
CA GLY A 160 3.97 -0.03 1.73
C GLY A 160 3.18 -1.20 2.24
N PHE A 161 3.22 -2.31 1.51
CA PHE A 161 2.52 -3.50 1.99
C PHE A 161 3.11 -4.01 3.31
N MET A 162 4.41 -3.78 3.52
CA MET A 162 5.02 -4.12 4.81
C MET A 162 4.38 -3.32 5.95
N ASP A 163 4.07 -2.06 5.69
CA ASP A 163 3.37 -1.24 6.67
C ASP A 163 1.99 -1.81 6.97
N VAL A 164 1.34 -2.31 5.94
CA VAL A 164 0.03 -2.93 6.09
C VAL A 164 0.10 -4.17 7.00
N ILE A 165 1.09 -5.03 6.75
CA ILE A 165 1.28 -6.23 7.57
C ILE A 165 1.46 -5.89 9.05
N LYS A 166 2.37 -4.96 9.34
CA LYS A 166 2.64 -4.51 10.71
C LYS A 166 1.44 -3.84 11.35
N SER A 167 0.79 -2.95 10.60
CA SER A 167 -0.37 -2.23 11.10
CA SER A 167 -0.38 -2.23 11.09
C SER A 167 -1.49 -3.20 11.45
N ASP A 168 -1.71 -4.19 10.58
CA ASP A 168 -2.74 -5.21 10.80
C ASP A 168 -2.49 -5.96 12.10
N THR A 169 -1.24 -6.38 12.31
CA THR A 169 -0.86 -7.12 13.50
C THR A 169 -1.00 -6.26 14.75
N ALA A 170 -0.78 -4.95 14.60
CA ALA A 170 -0.84 -4.03 15.71
C ALA A 170 -2.28 -3.74 16.15
N GLY A 171 -3.25 -4.09 15.32
CA GLY A 171 -4.65 -3.90 15.65
C GLY A 171 -5.44 -2.99 14.71
N LEU A 172 -4.75 -2.40 13.74
CA LEU A 172 -5.39 -1.55 12.74
C LEU A 172 -5.66 -2.36 11.48
N LYS A 173 -6.90 -2.84 11.35
CA LYS A 173 -7.22 -3.87 10.36
C LYS A 173 -7.70 -3.37 9.00
N ASN A 174 -8.23 -2.14 8.96
CA ASN A 174 -8.83 -1.63 7.74
C ASN A 174 -7.81 -0.92 6.85
N VAL A 175 -6.72 -1.63 6.55
CA VAL A 175 -5.58 -1.04 5.85
C VAL A 175 -5.24 -1.79 4.56
N VAL A 176 -4.86 -1.04 3.53
CA VAL A 176 -4.42 -1.59 2.26
C VAL A 176 -3.28 -0.73 1.70
N ALA A 177 -2.62 -1.21 0.65
CA ALA A 177 -1.62 -0.42 -0.04
C ALA A 177 -1.61 -0.84 -1.50
N THR A 178 -1.20 0.06 -2.39
CA THR A 178 -0.96 -0.34 -3.78
C THR A 178 0.41 -0.99 -3.82
N MET A 179 0.71 -1.66 -4.93
CA MET A 179 2.03 -2.26 -5.12
C MET A 179 3.00 -1.26 -5.74
N GLY A 180 3.30 -0.20 -4.99
CA GLY A 180 4.31 0.77 -5.38
C GLY A 180 3.86 1.74 -6.45
N THR A 181 2.55 1.82 -6.67
CA THR A 181 2.01 2.70 -7.71
C THR A 181 1.11 3.77 -7.15
N GLN A 182 0.84 4.77 -7.99
CA GLN A 182 -0.15 5.79 -7.67
C GLN A 182 -1.53 5.14 -7.68
N LEU A 183 -2.38 5.52 -6.73
CA LEU A 183 -3.75 5.01 -6.64
C LEU A 183 -4.51 5.28 -7.95
N SER A 184 -5.01 4.21 -8.59
CA SER A 184 -5.61 4.33 -9.92
C SER A 184 -7.10 4.66 -9.90
N ASP A 185 -7.64 5.01 -11.07
CA ASP A 185 -9.08 5.26 -11.20
C ASP A 185 -9.84 3.98 -10.86
N GLU A 186 -9.31 2.84 -11.28
CA GLU A 186 -9.93 1.56 -10.96
C GLU A 186 -9.94 1.28 -9.45
N HIS A 187 -8.82 1.54 -8.78
CA HIS A 187 -8.76 1.40 -7.31
C HIS A 187 -9.85 2.23 -6.65
N ILE A 188 -9.99 3.47 -7.11
CA ILE A 188 -10.95 4.40 -6.53
C ILE A 188 -12.39 3.91 -6.72
N THR A 189 -12.67 3.35 -7.88
CA THR A 189 -13.97 2.75 -8.15
C THR A 189 -14.27 1.59 -7.19
N PHE A 190 -13.26 0.75 -6.95
CA PHE A 190 -13.38 -0.36 -6.00
C PHE A 190 -13.66 0.16 -4.59
N ILE A 191 -12.82 1.09 -4.16
CA ILE A 191 -12.88 1.62 -2.80
C ILE A 191 -14.23 2.27 -2.49
N ARG A 192 -14.71 3.09 -3.44
CA ARG A 192 -15.97 3.81 -3.28
C ARG A 192 -17.17 2.91 -2.98
N LYS A 193 -17.12 1.67 -3.45
CA LYS A 193 -18.20 0.72 -3.22
C LYS A 193 -18.20 0.20 -1.79
N LEU A 194 -17.07 0.34 -1.11
CA LEU A 194 -16.93 -0.14 0.26
C LEU A 194 -17.18 0.96 1.28
N THR A 195 -16.69 2.17 0.98
CA THR A 195 -16.75 3.27 1.92
C THR A 195 -16.52 4.60 1.21
N SER A 196 -16.96 5.70 1.83
CA SER A 196 -16.69 7.03 1.28
C SER A 196 -15.58 7.72 2.06
N ASN A 197 -15.16 7.11 3.15
CA ASN A 197 -14.15 7.70 4.01
C ASN A 197 -12.78 7.05 3.79
N ILE A 198 -11.82 7.84 3.35
CA ILE A 198 -10.48 7.33 3.14
C ILE A 198 -9.43 8.17 3.87
N THR A 199 -8.60 7.51 4.67
CA THR A 199 -7.52 8.16 5.38
C THR A 199 -6.17 7.80 4.78
N LEU A 200 -5.37 8.82 4.49
CA LEU A 200 -4.04 8.60 3.93
C LEU A 200 -3.01 8.70 5.04
N MET A 201 -2.22 7.64 5.20
CA MET A 201 -1.09 7.69 6.12
C MET A 201 0.17 7.21 5.41
N PHE A 202 0.76 8.11 4.62
CA PHE A 202 1.98 7.80 3.89
C PHE A 202 3.19 8.05 4.79
N ASP A 203 4.38 7.72 4.30
CA ASP A 203 5.59 7.89 5.09
C ASP A 203 5.81 9.36 5.47
N GLY A 204 6.44 9.58 6.61
CA GLY A 204 6.65 10.93 7.12
C GLY A 204 7.83 11.65 6.51
N ASP A 205 7.82 11.80 5.19
CA ASP A 205 8.89 12.52 4.50
C ASP A 205 8.32 13.33 3.34
N PHE A 206 9.20 14.00 2.61
CA PHE A 206 8.78 14.89 1.52
C PHE A 206 7.98 14.16 0.45
N ALA A 207 8.51 13.03 -0.02
CA ALA A 207 7.81 12.24 -1.03
C ALA A 207 6.43 11.84 -0.52
N GLY A 208 6.35 11.45 0.74
CA GLY A 208 5.08 11.08 1.35
C GLY A 208 4.07 12.21 1.36
N SER A 209 4.52 13.41 1.74
CA SER A 209 3.61 14.54 1.79
CA SER A 209 3.63 14.56 1.78
C SER A 209 3.17 14.92 0.37
N GLU A 210 4.10 14.92 -0.57
CA GLU A 210 3.78 15.22 -1.96
C GLU A 210 2.74 14.23 -2.50
N ALA A 211 2.93 12.95 -2.19
CA ALA A 211 1.99 11.92 -2.63
C ALA A 211 0.64 12.07 -1.93
N THR A 212 0.67 12.48 -0.67
CA THR A 212 -0.57 12.73 0.07
C THR A 212 -1.39 13.83 -0.61
N LEU A 213 -0.72 14.93 -0.96
CA LEU A 213 -1.38 16.06 -1.62
C LEU A 213 -1.97 15.66 -2.97
N LYS A 214 -1.18 14.95 -3.78
CA LYS A 214 -1.63 14.55 -5.11
C LYS A 214 -2.80 13.56 -5.04
N THR A 215 -2.62 12.49 -4.26
CA THR A 215 -3.64 11.47 -4.11
C THR A 215 -4.91 12.02 -3.43
N GLY A 216 -4.72 12.80 -2.38
CA GLY A 216 -5.85 13.41 -1.67
C GLY A 216 -6.66 14.34 -2.55
N GLN A 217 -5.97 15.13 -3.36
CA GLN A 217 -6.63 16.06 -4.25
C GLN A 217 -7.52 15.32 -5.25
N HIS A 218 -7.01 14.19 -5.75
CA HIS A 218 -7.76 13.43 -6.73
C HIS A 218 -8.97 12.73 -6.10
N LEU A 219 -8.77 12.17 -4.92
CA LEU A 219 -9.85 11.54 -4.17
C LEU A 219 -10.95 12.54 -3.86
N LEU A 220 -10.56 13.73 -3.43
CA LEU A 220 -11.50 14.80 -3.13
C LEU A 220 -12.30 15.18 -4.37
N GLN A 221 -11.62 15.34 -5.50
CA GLN A 221 -12.27 15.70 -6.75
C GLN A 221 -13.21 14.59 -7.21
N GLN A 222 -12.88 13.36 -6.83
CA GLN A 222 -13.71 12.21 -7.16
C GLN A 222 -14.90 12.01 -6.20
N GLY A 223 -14.98 12.87 -5.19
CA GLY A 223 -16.15 12.89 -4.32
C GLY A 223 -16.04 12.06 -3.05
N LEU A 224 -14.82 11.71 -2.66
CA LEU A 224 -14.64 10.98 -1.40
C LEU A 224 -14.30 11.91 -0.24
N ASN A 225 -14.57 11.45 0.97
CA ASN A 225 -14.21 12.18 2.16
C ASN A 225 -12.79 11.82 2.58
N VAL A 226 -11.87 12.77 2.48
CA VAL A 226 -10.45 12.49 2.63
C VAL A 226 -9.89 12.97 3.96
N PHE A 227 -9.17 12.09 4.64
CA PHE A 227 -8.51 12.42 5.90
C PHE A 227 -7.02 12.09 5.80
N VAL A 228 -6.21 12.70 6.67
CA VAL A 228 -4.77 12.51 6.65
C VAL A 228 -4.24 12.33 8.07
N ILE A 229 -3.42 11.30 8.24
CA ILE A 229 -2.65 11.12 9.46
C ILE A 229 -1.19 11.39 9.14
N GLN A 230 -0.59 12.30 9.88
CA GLN A 230 0.78 12.73 9.64
C GLN A 230 1.74 12.07 10.63
N LEU A 231 2.53 11.11 10.14
CA LEU A 231 3.51 10.42 10.97
C LEU A 231 4.67 11.36 11.29
N PRO A 232 5.37 11.09 12.42
CA PRO A 232 6.56 11.87 12.75
C PRO A 232 7.58 11.84 11.62
N SER A 233 8.36 12.90 11.52
CA SER A 233 9.36 13.06 10.46
C SER A 233 10.32 11.88 10.38
N GLY A 234 10.48 11.33 9.18
CA GLY A 234 11.40 10.25 8.93
C GLY A 234 10.86 8.86 9.25
N MET A 235 9.59 8.77 9.63
CA MET A 235 9.01 7.48 10.02
C MET A 235 7.91 7.00 9.10
N ASP A 236 7.87 5.68 8.89
CA ASP A 236 6.70 5.05 8.30
C ASP A 236 5.99 4.20 9.37
N PRO A 237 4.80 3.64 9.06
CA PRO A 237 4.06 2.96 10.14
C PRO A 237 4.82 1.80 10.80
N ASP A 238 5.52 1.01 10.00
CA ASP A 238 6.35 -0.08 10.53
C ASP A 238 7.38 0.48 11.50
N GLU A 239 8.01 1.59 11.14
CA GLU A 239 9.02 2.21 11.98
C GLU A 239 8.44 2.80 13.27
N TYR A 240 7.22 3.36 13.20
CA TYR A 240 6.56 3.89 14.38
C TYR A 240 6.20 2.77 15.36
N ILE A 241 5.71 1.66 14.81
CA ILE A 241 5.30 0.52 15.63
C ILE A 241 6.52 -0.08 16.33
N GLY A 242 7.62 -0.18 15.60
CA GLY A 242 8.86 -0.70 16.16
C GLY A 242 9.39 0.13 17.29
N LYS A 243 9.23 1.44 17.20
CA LYS A 243 9.81 2.36 18.19
C LYS A 243 8.92 2.61 19.41
N TYR A 244 7.60 2.64 19.21
CA TYR A 244 6.69 3.01 20.30
C TYR A 244 5.73 1.89 20.74
N GLY A 245 5.59 0.85 19.92
CA GLY A 245 4.71 -0.26 20.27
C GLY A 245 3.32 -0.19 19.68
N ASN A 246 2.58 -1.30 19.77
CA ASN A 246 1.24 -1.41 19.18
C ASN A 246 0.22 -0.43 19.75
N ASP A 247 0.17 -0.32 21.08
CA ASP A 247 -0.81 0.53 21.74
C ASP A 247 -0.60 2.00 21.39
N ALA A 248 0.65 2.43 21.36
CA ALA A 248 0.98 3.80 20.99
C ALA A 248 0.56 4.08 19.56
N PHE A 249 0.76 3.09 18.69
CA PHE A 249 0.40 3.22 17.28
C PHE A 249 -1.11 3.39 17.08
N THR A 250 -1.90 2.51 17.67
CA THR A 250 -3.35 2.58 17.47
C THR A 250 -3.98 3.79 18.16
N THR A 251 -3.32 4.31 19.19
CA THR A 251 -3.72 5.57 19.80
C THR A 251 -3.37 6.76 18.90
N PHE A 252 -2.16 6.73 18.33
CA PHE A 252 -1.68 7.79 17.45
C PHE A 252 -2.59 7.97 16.23
N VAL A 253 -2.97 6.84 15.62
CA VAL A 253 -3.79 6.85 14.41
C VAL A 253 -5.21 7.37 14.70
N LYS A 254 -5.61 7.31 15.96
CA LYS A 254 -6.95 7.71 16.39
C LYS A 254 -6.98 9.20 16.83
N ASN A 255 -5.79 9.78 16.98
CA ASN A 255 -5.67 11.13 17.53
C ASN A 255 -5.82 12.24 16.48
N ASP A 256 -4.72 12.55 15.80
CA ASP A 256 -4.68 13.68 14.87
C ASP A 256 -5.07 13.31 13.45
N LYS A 257 -6.36 13.05 13.23
CA LYS A 257 -6.86 12.75 11.90
C LYS A 257 -7.52 14.00 11.32
N LYS A 258 -6.87 14.61 10.32
CA LYS A 258 -7.33 15.88 9.76
C LYS A 258 -8.01 15.72 8.40
N SER A 259 -9.09 16.46 8.19
CA SER A 259 -9.67 16.59 6.86
C SER A 259 -8.59 17.08 5.91
N PHE A 260 -8.64 16.64 4.65
CA PHE A 260 -7.61 16.97 3.66
C PHE A 260 -7.30 18.47 3.56
N ALA A 261 -8.34 19.31 3.47
CA ALA A 261 -8.14 20.75 3.34
C ALA A 261 -7.31 21.33 4.49
N HIS A 262 -7.56 20.82 5.70
CA HIS A 262 -6.83 21.31 6.88
C HIS A 262 -5.37 20.88 6.81
N TYR A 263 -5.13 19.63 6.38
CA TYR A 263 -3.76 19.16 6.19
C TYR A 263 -3.02 19.98 5.13
N LYS A 264 -3.69 20.20 4.00
CA LYS A 264 -3.07 20.90 2.87
C LYS A 264 -2.64 22.31 3.24
N VAL A 265 -3.53 23.04 3.90
CA VAL A 265 -3.20 24.42 4.27
C VAL A 265 -2.06 24.47 5.30
N SER A 266 -2.01 23.46 6.18
CA SER A 266 -0.94 23.43 7.18
C SER A 266 0.42 23.21 6.52
N ILE A 267 0.45 22.42 5.45
CA ILE A 267 1.67 22.21 4.67
C ILE A 267 2.11 23.51 3.99
N LEU A 268 1.13 24.29 3.54
CA LEU A 268 1.38 25.50 2.76
C LEU A 268 1.51 26.76 3.62
N LYS A 269 1.47 26.57 4.94
CA LYS A 269 1.34 27.68 5.87
C LYS A 269 2.37 28.79 5.69
N ASP A 270 3.65 28.41 5.62
CA ASP A 270 4.72 29.40 5.55
C ASP A 270 4.76 30.14 4.22
N GLU A 271 4.52 29.43 3.12
CA GLU A 271 4.49 30.09 1.81
C GLU A 271 3.36 31.10 1.74
N ILE A 272 2.19 30.73 2.27
CA ILE A 272 1.05 31.64 2.31
C ILE A 272 1.37 32.89 3.13
N ALA A 273 2.07 32.71 4.24
CA ALA A 273 2.38 33.82 5.14
C ALA A 273 3.46 34.78 4.62
N HIS A 274 4.22 34.36 3.62
CA HIS A 274 5.36 35.15 3.14
C HIS A 274 5.26 35.59 1.68
N ASN A 275 4.47 34.88 0.91
CA ASN A 275 4.40 35.11 -0.53
C ASN A 275 2.97 35.52 -0.88
N ASP A 276 2.77 36.79 -1.18
CA ASP A 276 1.42 37.29 -1.45
C ASP A 276 0.79 36.70 -2.69
N LEU A 277 1.60 36.31 -3.67
CA LEU A 277 1.09 35.66 -4.87
C LEU A 277 0.58 34.26 -4.52
N SER A 278 1.34 33.53 -3.71
CA SER A 278 0.91 32.22 -3.23
C SER A 278 -0.31 32.34 -2.32
N TYR A 279 -0.34 33.39 -1.50
CA TYR A 279 -1.47 33.66 -0.62
C TYR A 279 -2.76 33.66 -1.44
N GLU A 280 -2.80 34.49 -2.47
CA GLU A 280 -3.97 34.61 -3.32
C GLU A 280 -4.32 33.29 -4.01
N ARG A 281 -3.33 32.64 -4.60
CA ARG A 281 -3.57 31.40 -5.32
C ARG A 281 -4.04 30.27 -4.42
N TYR A 282 -3.46 30.15 -3.24
CA TYR A 282 -3.87 29.09 -2.32
C TYR A 282 -5.21 29.38 -1.64
N LEU A 283 -5.55 30.66 -1.50
CA LEU A 283 -6.87 30.99 -0.96
C LEU A 283 -7.95 30.52 -1.94
N LYS A 284 -7.73 30.76 -3.22
CA LYS A 284 -8.65 30.25 -4.24
C LYS A 284 -8.66 28.71 -4.31
N GLU A 285 -7.48 28.09 -4.23
CA GLU A 285 -7.39 26.63 -4.24
C GLU A 285 -8.15 26.01 -3.08
N LEU A 286 -7.88 26.50 -1.87
CA LEU A 286 -8.53 25.95 -0.68
C LEU A 286 -10.04 26.20 -0.69
N SER A 287 -10.44 27.34 -1.25
CA SER A 287 -11.86 27.63 -1.44
C SER A 287 -12.49 26.58 -2.34
N HIS A 288 -11.81 26.27 -3.44
CA HIS A 288 -12.28 25.23 -4.34
C HIS A 288 -12.30 23.86 -3.66
N ASP A 289 -11.23 23.53 -2.95
CA ASP A 289 -11.14 22.25 -2.23
C ASP A 289 -12.31 22.08 -1.27
N ILE A 290 -12.56 23.10 -0.45
CA ILE A 290 -13.65 23.04 0.51
C ILE A 290 -15.00 22.90 -0.18
N SER A 291 -15.16 23.57 -1.32
CA SER A 291 -16.41 23.49 -2.07
C SER A 291 -16.72 22.07 -2.56
N LEU A 292 -15.67 21.27 -2.74
CA LEU A 292 -15.83 19.88 -3.21
C LEU A 292 -16.29 18.90 -2.11
N MET A 293 -16.17 19.30 -0.85
CA MET A 293 -16.47 18.41 0.27
C MET A 293 -17.97 18.08 0.35
N LYS A 294 -18.30 16.80 0.28
CA LYS A 294 -19.70 16.36 0.28
C LYS A 294 -20.34 16.45 1.66
N SER A 295 -19.53 16.40 2.70
CA SER A 295 -20.02 16.49 4.07
C SER A 295 -20.24 17.94 4.50
N SER A 296 -21.51 18.31 4.68
CA SER A 296 -21.84 19.67 5.12
C SER A 296 -21.21 19.99 6.47
N ILE A 297 -21.21 19.01 7.35
CA ILE A 297 -20.60 19.14 8.68
C ILE A 297 -19.09 19.38 8.60
N LEU A 298 -18.41 18.57 7.81
CA LEU A 298 -16.95 18.72 7.72
C LEU A 298 -16.55 19.91 6.86
N GLN A 299 -17.43 20.30 5.93
CA GLN A 299 -17.20 21.48 5.13
C GLN A 299 -17.16 22.72 6.03
N GLN A 300 -18.14 22.81 6.92
CA GLN A 300 -18.18 23.93 7.86
C GLN A 300 -17.00 23.92 8.83
N LYS A 301 -16.62 22.73 9.32
CA LYS A 301 -15.43 22.66 10.17
C LYS A 301 -14.14 23.04 9.44
N ALA A 302 -13.98 22.58 8.20
CA ALA A 302 -12.81 22.93 7.40
C ALA A 302 -12.70 24.45 7.24
N ILE A 303 -13.83 25.09 7.01
CA ILE A 303 -13.86 26.55 6.88
C ILE A 303 -13.29 27.21 8.13
N ASN A 304 -13.76 26.76 9.30
CA ASN A 304 -13.27 27.28 10.57
C ASN A 304 -11.78 27.03 10.80
N ASP A 305 -11.29 25.86 10.37
CA ASP A 305 -9.89 25.49 10.56
C ASP A 305 -8.95 26.15 9.57
N VAL A 306 -9.44 26.41 8.36
CA VAL A 306 -8.58 26.94 7.30
C VAL A 306 -8.47 28.47 7.33
N ALA A 307 -9.58 29.14 7.63
CA ALA A 307 -9.61 30.61 7.68
C ALA A 307 -8.45 31.31 8.41
N PRO A 308 -8.06 30.84 9.60
CA PRO A 308 -6.95 31.52 10.31
C PRO A 308 -5.63 31.50 9.55
N PHE A 309 -5.39 30.50 8.72
CA PHE A 309 -4.15 30.44 7.95
C PHE A 309 -4.01 31.61 6.98
N PHE A 310 -5.12 32.25 6.63
CA PHE A 310 -5.12 33.39 5.73
C PHE A 310 -5.42 34.69 6.46
N ASN A 311 -5.59 34.60 7.78
CA ASN A 311 -5.95 35.76 8.58
C ASN A 311 -7.23 36.40 8.05
N VAL A 312 -8.23 35.56 7.76
CA VAL A 312 -9.56 36.03 7.40
C VAL A 312 -10.56 35.35 8.34
N SER A 313 -11.77 35.89 8.41
CA SER A 313 -12.79 35.29 9.27
C SER A 313 -13.43 34.10 8.57
N PRO A 314 -13.96 33.14 9.34
CA PRO A 314 -14.70 32.04 8.74
C PRO A 314 -15.82 32.53 7.83
N GLU A 315 -16.44 33.65 8.19
CA GLU A 315 -17.48 34.25 7.35
C GLU A 315 -16.94 34.70 6.00
N GLN A 316 -15.81 35.40 6.01
CA GLN A 316 -15.15 35.82 4.77
C GLN A 316 -14.76 34.62 3.90
N LEU A 317 -14.22 33.58 4.51
CA LEU A 317 -13.82 32.40 3.74
C LEU A 317 -15.04 31.73 3.12
N ALA A 318 -16.12 31.62 3.89
CA ALA A 318 -17.36 31.05 3.38
C ALA A 318 -17.86 31.83 2.16
N ASN A 319 -17.75 33.15 2.24
CA ASN A 319 -18.14 34.02 1.13
C ASN A 319 -17.35 33.69 -0.14
N GLU A 320 -16.05 33.50 0.01
CA GLU A 320 -15.18 33.15 -1.11
C GLU A 320 -15.60 31.82 -1.74
N ILE A 321 -16.09 30.92 -0.91
CA ILE A 321 -16.61 29.63 -1.37
C ILE A 321 -18.03 29.77 -1.91
C1 BEN B . 6.73 -29.08 1.20
C2 BEN B . 5.52 -28.47 0.93
C3 BEN B . 5.27 -28.00 -0.36
C4 BEN B . 6.22 -28.13 -1.36
C5 BEN B . 7.43 -28.75 -1.07
C6 BEN B . 7.69 -29.23 0.21
C BEN B . 6.99 -29.57 2.50
N1 BEN B . 6.37 -29.05 3.55
N2 BEN B . 7.84 -30.54 2.70
C1 BEN C . -4.74 10.02 -9.95
C2 BEN C . -4.46 9.42 -8.72
C3 BEN C . -3.65 10.07 -7.79
C4 BEN C . -3.13 11.32 -8.08
C5 BEN C . -3.42 11.93 -9.30
C6 BEN C . -4.22 11.29 -10.23
C BEN C . -5.55 9.37 -10.88
N1 BEN C . -5.81 8.08 -10.77
N2 BEN C . -6.08 10.02 -11.90
C1 BEN D . 8.78 3.36 -5.15
C2 BEN D . 10.14 3.06 -5.24
C3 BEN D . 10.59 2.26 -6.28
C4 BEN D . 9.70 1.75 -7.21
C5 BEN D . 8.35 2.06 -7.12
C6 BEN D . 7.90 2.86 -6.09
C BEN D . 8.32 4.18 -4.10
N1 BEN D . 9.04 4.41 -3.03
N2 BEN D . 7.12 4.74 -4.18
PG GTP E . 11.05 -1.65 3.84
O1G GTP E . 12.50 -1.24 3.71
O2G GTP E . 10.56 -1.35 5.23
O3G GTP E . 10.94 -3.16 3.71
O3B GTP E . 10.20 -0.95 2.65
PB GTP E . 8.93 0.00 2.92
O1B GTP E . 7.75 -0.78 3.46
O2B GTP E . 9.39 1.00 3.93
O3A GTP E . 8.59 0.65 1.50
PA GTP E . 9.28 1.95 0.85
O1A GTP E . 8.90 3.15 1.70
O2A GTP E . 10.77 1.83 0.58
O5' GTP E . 8.47 2.05 -0.53
C5' GTP E . 7.06 2.01 -0.41
C4' GTP E . 6.50 1.01 -1.40
O4' GTP E . 7.04 1.29 -2.67
C3' GTP E . 6.87 -0.44 -1.12
O3' GTP E . 5.98 -1.11 -0.25
C2' GTP E . 6.81 -1.05 -2.49
O2' GTP E . 5.48 -1.41 -2.80
C1' GTP E . 7.24 0.08 -3.39
N9 GTP E . 8.68 -0.13 -3.68
C8 GTP E . 9.75 0.17 -2.87
N7 GTP E . 10.89 -0.20 -3.52
C5 GTP E . 10.55 -0.73 -4.72
C6 GTP E . 11.30 -1.25 -5.76
O6 GTP E . 12.52 -1.30 -5.70
N1 GTP E . 10.64 -1.72 -6.89
C2 GTP E . 9.26 -1.67 -6.98
N2 GTP E . 8.63 -2.12 -8.06
N3 GTP E . 8.54 -1.15 -5.93
C4 GTP E . 9.16 -0.69 -4.82
MN MN F . 9.43 7.22 0.63
MN MN G . 8.46 3.11 3.97
MN MN H . 9.60 0.59 6.12
#